data_4KQ3
#
_entry.id   4KQ3
#
_cell.length_a   93.450
_cell.length_b   60.560
_cell.length_c   72.140
_cell.angle_alpha   90.00
_cell.angle_beta   99.66
_cell.angle_gamma   90.00
#
_symmetry.space_group_name_H-M   'C 1 2 1'
#
loop_
_entity.id
_entity.type
_entity.pdbx_description
1 polymer 'CNTO3186 light chain'
2 polymer 'CNTO3186 heavy chain'
3 non-polymer GLYCEROL
4 non-polymer '2-(N-MORPHOLINO)-ETHANESULFONIC ACID'
5 non-polymer 1,2-ETHANEDIOL
6 water water
#
loop_
_entity_poly.entity_id
_entity_poly.type
_entity_poly.pdbx_seq_one_letter_code
_entity_poly.pdbx_strand_id
1 'polypeptide(L)'
;DIQMTQSPSSVSASVGDRVTITCRASQGISNWLNWYQQKPGKAPKLLIYAASSLQSGVPSRFSGSGSGTDFTLTISSLQP
EDFATYYCQQYSDDPTFGQGTKVEIKRTVAAPSVFIFPPSDEQLKSGTASVVCLLNNFYPREAKVQWKVDNALQSGNSQE
SVTEQDSKDSTYSLSSTLTLSKADYEKHKVYACEVTHQGLSSPVTKSFNRGEC
;
L
2 'polypeptide(L)'
;(PCA)VQLVQSGAEVKKPGSSVKVSCKASGGTFSSYAISWVRQAPGQGLEWMGSIIPWFGTTNYAQKFQGRVTITADEST
STAYMELSSLRSEDTAVYYCARDSEYYFDHWGQGTLVTVSSASTKGPSVFPLAPSSKSTSGGTAALGCLVKDYFPEPVTV
SWNSGALTSGVHTFPAVLQSSGLYSLSSVVTVPSSSLGTQTYICNVNHKPSNTKVDKKVEPKSCHHHHHH
;
H
#
loop_
_chem_comp.id
_chem_comp.type
_chem_comp.name
_chem_comp.formula
EDO non-polymer 1,2-ETHANEDIOL 'C2 H6 O2'
GOL non-polymer GLYCEROL 'C3 H8 O3'
MES non-polymer '2-(N-MORPHOLINO)-ETHANESULFONIC ACID' 'C6 H13 N O4 S'
#
# COMPACT_ATOMS: atom_id res chain seq x y z
N ASP A 1 11.28 19.94 17.36
CA ASP A 1 11.65 20.17 18.78
C ASP A 1 10.90 19.21 19.70
N ILE A 2 9.57 19.29 19.68
CA ILE A 2 8.73 18.45 20.53
C ILE A 2 8.64 17.03 19.95
N GLN A 3 9.00 16.05 20.76
CA GLN A 3 9.06 14.66 20.36
C GLN A 3 7.83 13.91 20.89
N MET A 4 7.21 13.12 20.03
CA MET A 4 6.01 12.36 20.38
C MET A 4 6.32 10.87 20.44
N THR A 5 5.92 10.23 21.53
CA THR A 5 6.16 8.80 21.74
C THR A 5 4.84 8.05 21.91
N GLN A 6 4.60 7.08 21.03
CA GLN A 6 3.39 6.27 21.06
C GLN A 6 3.62 4.89 21.66
N SER A 7 2.62 4.41 22.38
CA SER A 7 2.65 3.08 22.99
C SER A 7 1.27 2.42 22.87
N PRO A 8 1.22 1.12 22.54
CA PRO A 8 2.35 0.24 22.18
C PRO A 8 2.74 0.41 20.71
N SER A 9 3.72 -0.36 20.26
CA SER A 9 4.11 -0.37 18.84
C SER A 9 3.05 -1.05 17.99
N SER A 10 2.43 -2.09 18.56
CA SER A 10 1.34 -2.79 17.91
C SER A 10 0.40 -3.44 18.92
N VAL A 11 -0.86 -3.60 18.53
CA VAL A 11 -1.86 -4.31 19.32
C VAL A 11 -2.55 -5.31 18.42
N SER A 12 -2.81 -6.50 18.95
CA SER A 12 -3.71 -7.44 18.28
C SER A 12 -4.88 -7.72 19.20
N ALA A 13 -6.09 -7.60 18.67
CA ALA A 13 -7.30 -7.71 19.46
C ALA A 13 -8.46 -8.26 18.64
N SER A 14 -9.44 -8.83 19.33
CA SER A 14 -10.61 -9.41 18.67
C SER A 14 -11.62 -8.34 18.32
N VAL A 15 -12.47 -8.64 17.34
CA VAL A 15 -13.58 -7.77 16.98
C VAL A 15 -14.47 -7.56 18.22
N GLY A 16 -14.80 -6.30 18.50
CA GLY A 16 -15.61 -5.96 19.67
C GLY A 16 -14.80 -5.53 20.89
N ASP A 17 -13.50 -5.84 20.88
CA ASP A 17 -12.60 -5.47 21.97
C ASP A 17 -12.41 -3.95 22.09
N ARG A 18 -12.06 -3.52 23.30
CA ARG A 18 -11.69 -2.13 23.53
C ARG A 18 -10.18 -2.00 23.32
N VAL A 19 -9.77 -1.05 22.49
CA VAL A 19 -8.35 -0.82 22.21
C VAL A 19 -7.95 0.57 22.69
N THR A 20 -6.85 0.64 23.44
CA THR A 20 -6.36 1.91 23.96
C THR A 20 -4.92 2.14 23.51
N ILE A 21 -4.70 3.26 22.82
CA ILE A 21 -3.38 3.66 22.35
C ILE A 21 -3.00 4.96 23.03
N THR A 22 -1.75 5.07 23.45
CA THR A 22 -1.29 6.25 24.18
C THR A 22 -0.23 7.02 23.40
N CYS A 23 -0.23 8.35 23.60
CA CYS A 23 0.74 9.24 22.97
C CYS A 23 1.25 10.22 24.00
N ARG A 24 2.57 10.27 24.16
CA ARG A 24 3.21 11.14 25.15
C ARG A 24 4.08 12.21 24.48
N ALA A 25 3.96 13.44 24.97
CA ALA A 25 4.75 14.56 24.46
C ALA A 25 5.94 14.87 25.37
N SER A 26 7.02 15.37 24.78
CA SER A 26 8.23 15.73 25.54
C SER A 26 8.06 17.00 26.39
N GLN A 27 7.04 17.78 26.05
CA GLN A 27 6.64 18.94 26.84
C GLN A 27 5.14 19.13 26.75
N GLY A 28 4.59 20.03 27.57
CA GLY A 28 3.17 20.35 27.54
C GLY A 28 2.75 20.94 26.21
N ILE A 29 1.73 20.37 25.59
CA ILE A 29 1.24 20.83 24.30
C ILE A 29 -0.25 21.22 24.36
N SER A 30 -0.75 21.40 25.58
CA SER A 30 -2.15 21.73 25.84
C SER A 30 -3.03 20.63 25.24
N ASN A 31 -3.92 21.00 24.32
CA ASN A 31 -4.81 20.03 23.69
C ASN A 31 -4.57 19.90 22.19
N TRP A 32 -3.48 20.49 21.69
CA TRP A 32 -3.20 20.48 20.25
C TRP A 32 -2.57 19.16 19.84
N LEU A 33 -3.38 18.12 19.85
CA LEU A 33 -2.94 16.76 19.55
C LEU A 33 -3.99 16.09 18.66
N ASN A 34 -3.53 15.62 17.51
CA ASN A 34 -4.41 15.05 16.49
C ASN A 34 -4.10 13.58 16.30
N TRP A 35 -5.12 12.79 15.95
CA TRP A 35 -4.92 11.37 15.65
C TRP A 35 -5.28 11.07 14.20
N TYR A 36 -4.42 10.32 13.52
CA TYR A 36 -4.64 9.92 12.13
C TYR A 36 -4.65 8.40 12.01
N GLN A 37 -5.41 7.92 11.04
CA GLN A 37 -5.49 6.51 10.70
C GLN A 37 -4.94 6.32 9.30
N GLN A 38 -4.04 5.36 9.14
CA GLN A 38 -3.46 5.11 7.82
C GLN A 38 -3.50 3.63 7.45
N LYS A 39 -4.16 3.34 6.33
CA LYS A 39 -4.18 2.00 5.74
C LYS A 39 -2.96 1.83 4.84
N PRO A 40 -2.41 0.60 4.76
CA PRO A 40 -1.23 0.39 3.93
C PRO A 40 -1.40 0.91 2.50
N GLY A 41 -0.43 1.71 2.05
CA GLY A 41 -0.44 2.28 0.71
C GLY A 41 -1.35 3.48 0.50
N LYS A 42 -2.03 3.90 1.56
CA LYS A 42 -3.02 4.99 1.46
C LYS A 42 -2.61 6.21 2.29
N ALA A 43 -3.24 7.35 1.99
CA ALA A 43 -2.98 8.58 2.74
C ALA A 43 -3.56 8.51 4.14
N PRO A 44 -2.89 9.14 5.13
CA PRO A 44 -3.47 9.24 6.46
C PRO A 44 -4.83 9.93 6.43
N LYS A 45 -5.71 9.56 7.36
CA LYS A 45 -7.02 10.17 7.47
C LYS A 45 -7.22 10.69 8.90
N LEU A 46 -7.66 11.94 9.02
CA LEU A 46 -7.87 12.54 10.33
C LEU A 46 -9.07 11.92 11.05
N LEU A 47 -8.85 11.47 12.28
CA LEU A 47 -9.91 10.89 13.10
C LEU A 47 -10.35 11.83 14.21
N ILE A 48 -9.37 12.37 14.94
CA ILE A 48 -9.60 13.21 16.10
C ILE A 48 -8.67 14.42 16.01
N TYR A 49 -9.21 15.60 16.29
CA TYR A 49 -8.40 16.81 16.37
C TYR A 49 -8.61 17.49 17.71
N ALA A 50 -7.68 18.38 18.08
CA ALA A 50 -7.74 19.10 19.36
C ALA A 50 -7.96 18.15 20.55
N ALA A 51 -7.22 17.03 20.54
CA ALA A 51 -7.23 16.00 21.59
C ALA A 51 -8.49 15.14 21.69
N SER A 52 -9.67 15.74 21.52
CA SER A 52 -10.92 15.06 21.85
C SER A 52 -12.08 15.33 20.88
N SER A 53 -11.86 16.14 19.86
CA SER A 53 -12.90 16.44 18.88
C SER A 53 -12.94 15.40 17.76
N LEU A 54 -14.08 14.73 17.65
CA LEU A 54 -14.31 13.73 16.61
C LEU A 54 -14.50 14.40 15.25
N GLN A 55 -13.67 14.01 14.28
CA GLN A 55 -13.80 14.52 12.91
C GLN A 55 -15.13 14.09 12.29
N SER A 56 -15.66 14.95 11.42
CA SER A 56 -16.89 14.70 10.68
C SER A 56 -16.86 13.36 9.92
N GLY A 57 -17.88 12.53 10.16
CA GLY A 57 -18.04 11.27 9.44
C GLY A 57 -17.29 10.09 10.05
N VAL A 58 -16.49 10.37 11.08
CA VAL A 58 -15.74 9.32 11.78
C VAL A 58 -16.65 8.63 12.79
N PRO A 59 -16.66 7.27 12.81
CA PRO A 59 -17.50 6.51 13.74
C PRO A 59 -17.28 6.90 15.19
N SER A 60 -18.36 6.87 15.97
CA SER A 60 -18.36 7.32 17.35
C SER A 60 -17.60 6.40 18.31
N ARG A 61 -17.27 5.18 17.85
CA ARG A 61 -16.45 4.26 18.64
C ARG A 61 -15.02 4.79 18.83
N PHE A 62 -14.63 5.76 18.00
CA PHE A 62 -13.37 6.46 18.18
C PHE A 62 -13.55 7.65 19.14
N SER A 63 -12.68 7.71 20.14
CA SER A 63 -12.65 8.86 21.06
C SER A 63 -11.22 9.17 21.47
N GLY A 64 -10.98 10.44 21.79
CA GLY A 64 -9.68 10.88 22.28
C GLY A 64 -9.83 11.64 23.58
N SER A 65 -8.79 11.58 24.42
CA SER A 65 -8.76 12.34 25.65
C SER A 65 -7.33 12.72 26.00
N GLY A 66 -7.18 13.65 26.93
CA GLY A 66 -5.88 14.09 27.39
C GLY A 66 -5.65 15.58 27.18
N SER A 67 -4.74 16.12 27.97
CA SER A 67 -4.27 17.49 27.85
C SER A 67 -2.92 17.58 28.56
N GLY A 68 -2.02 18.39 28.03
CA GLY A 68 -0.67 18.50 28.59
C GLY A 68 0.31 17.62 27.85
N THR A 69 0.63 16.46 28.44
CA THR A 69 1.63 15.56 27.87
C THR A 69 1.11 14.16 27.52
N ASP A 70 0.11 13.68 28.27
CA ASP A 70 -0.39 12.31 28.10
C ASP A 70 -1.74 12.27 27.37
N PHE A 71 -1.77 11.55 26.25
CA PHE A 71 -2.97 11.48 25.42
C PHE A 71 -3.32 10.04 25.08
N THR A 72 -4.61 9.76 24.94
CA THR A 72 -5.08 8.42 24.56
C THR A 72 -6.08 8.49 23.42
N LEU A 73 -5.98 7.52 22.52
CA LEU A 73 -7.01 7.24 21.54
C LEU A 73 -7.66 5.92 21.91
N THR A 74 -8.99 5.90 21.94
CA THR A 74 -9.73 4.70 22.32
C THR A 74 -10.70 4.23 21.24
N ILE A 75 -10.55 2.97 20.84
CA ILE A 75 -11.53 2.31 19.98
C ILE A 75 -12.37 1.41 20.89
N SER A 76 -13.64 1.76 21.06
CA SER A 76 -14.48 1.12 22.08
C SER A 76 -14.99 -0.27 21.68
N SER A 77 -15.15 -0.47 20.37
CA SER A 77 -15.62 -1.75 19.83
C SER A 77 -14.90 -2.03 18.51
N LEU A 78 -13.73 -2.64 18.60
CA LEU A 78 -12.87 -2.85 17.43
C LEU A 78 -13.63 -3.56 16.31
N GLN A 79 -13.54 -2.99 15.11
CA GLN A 79 -14.15 -3.57 13.92
C GLN A 79 -13.07 -3.97 12.91
N PRO A 80 -13.37 -4.92 12.01
CA PRO A 80 -12.37 -5.37 11.04
C PRO A 80 -11.75 -4.23 10.23
N GLU A 81 -12.56 -3.24 9.87
CA GLU A 81 -12.09 -2.08 9.11
C GLU A 81 -11.17 -1.13 9.91
N ASP A 82 -11.01 -1.40 11.19
CA ASP A 82 -10.13 -0.58 12.03
C ASP A 82 -8.66 -1.00 11.93
N PHE A 83 -8.40 -2.07 11.18
CA PHE A 83 -7.03 -2.46 10.88
C PHE A 83 -6.34 -1.28 10.19
N ALA A 84 -5.25 -0.81 10.79
CA ALA A 84 -4.52 0.36 10.30
C ALA A 84 -3.36 0.66 11.22
N THR A 85 -2.53 1.62 10.82
CA THR A 85 -1.56 2.22 11.72
C THR A 85 -2.10 3.58 12.15
N TYR A 86 -2.03 3.85 13.45
CA TYR A 86 -2.56 5.08 14.00
C TYR A 86 -1.42 5.98 14.47
N TYR A 87 -1.50 7.25 14.09
CA TYR A 87 -0.45 8.22 14.41
C TYR A 87 -1.04 9.37 15.20
N CYS A 88 -0.32 9.81 16.24
CA CYS A 88 -0.64 11.07 16.90
C CYS A 88 0.25 12.18 16.31
N GLN A 89 -0.19 13.42 16.49
CA GLN A 89 0.53 14.57 15.92
C GLN A 89 0.26 15.81 16.76
N GLN A 90 1.34 16.42 17.26
CA GLN A 90 1.23 17.69 18.00
C GLN A 90 1.29 18.87 17.05
N TYR A 91 0.50 19.90 17.35
CA TYR A 91 0.51 21.12 16.55
C TYR A 91 0.64 22.34 17.47
N SER A 92 1.40 22.18 18.55
CA SER A 92 1.73 23.31 19.44
C SER A 92 2.91 24.07 18.86
N ASP A 93 3.92 23.32 18.40
CA ASP A 93 5.07 23.87 17.70
C ASP A 93 4.98 23.36 16.26
N ASP A 94 6.07 23.46 15.50
CA ASP A 94 6.14 22.84 14.17
C ASP A 94 5.72 21.38 14.26
N PRO A 95 4.72 20.98 13.45
CA PRO A 95 4.11 19.66 13.53
C PRO A 95 5.12 18.50 13.59
N THR A 96 4.96 17.62 14.57
CA THR A 96 5.71 16.37 14.67
C THR A 96 4.76 15.22 14.99
N PHE A 97 5.10 14.03 14.49
CA PHE A 97 4.25 12.86 14.61
C PHE A 97 4.84 11.80 15.53
N GLY A 98 3.96 11.05 16.21
CA GLY A 98 4.37 9.82 16.89
C GLY A 98 4.82 8.80 15.88
N GLN A 99 5.42 7.70 16.34
CA GLN A 99 6.00 6.71 15.41
C GLN A 99 4.98 5.66 14.93
N GLY A 100 3.75 5.76 15.44
CA GLY A 100 2.65 4.92 14.98
C GLY A 100 2.39 3.72 15.86
N THR A 101 1.15 3.25 15.84
CA THR A 101 0.75 2.02 16.50
C THR A 101 -0.04 1.20 15.49
N LYS A 102 0.48 0.04 15.13
CA LYS A 102 -0.22 -0.87 14.23
C LYS A 102 -1.28 -1.65 15.00
N VAL A 103 -2.51 -1.60 14.52
CA VAL A 103 -3.61 -2.34 15.14
C VAL A 103 -4.04 -3.45 14.19
N GLU A 104 -3.97 -4.69 14.68
CA GLU A 104 -4.37 -5.86 13.88
C GLU A 104 -5.48 -6.65 14.57
N ILE A 105 -6.27 -7.35 13.76
CA ILE A 105 -7.46 -8.03 14.27
C ILE A 105 -7.21 -9.53 14.42
N LYS A 106 -7.54 -10.06 15.59
CA LYS A 106 -7.54 -11.51 15.83
C LYS A 106 -8.88 -12.08 15.39
N ARG A 107 -8.86 -13.24 14.74
CA ARG A 107 -10.07 -13.90 14.28
C ARG A 107 -9.88 -15.42 14.30
N THR A 108 -10.91 -16.15 13.87
CA THR A 108 -10.86 -17.61 13.83
C THR A 108 -9.89 -18.10 12.75
N VAL A 109 -9.40 -19.33 12.93
CA VAL A 109 -8.59 -20.00 11.92
C VAL A 109 -9.36 -20.16 10.60
N ALA A 110 -8.69 -19.85 9.49
CA ALA A 110 -9.23 -20.10 8.16
C ALA A 110 -8.12 -20.67 7.30
N ALA A 111 -8.36 -21.87 6.77
CA ALA A 111 -7.44 -22.49 5.82
C ALA A 111 -7.39 -21.71 4.51
N PRO A 112 -6.21 -21.69 3.85
CA PRO A 112 -6.12 -21.01 2.54
C PRO A 112 -6.81 -21.77 1.42
N SER A 113 -7.37 -21.03 0.47
CA SER A 113 -7.79 -21.60 -0.81
C SER A 113 -6.59 -21.49 -1.74
N VAL A 114 -6.17 -22.63 -2.29
CA VAL A 114 -4.91 -22.72 -3.01
C VAL A 114 -5.12 -22.89 -4.51
N PHE A 115 -4.50 -22.01 -5.29
CA PHE A 115 -4.61 -22.04 -6.74
C PHE A 115 -3.25 -21.96 -7.40
N ILE A 116 -3.15 -22.50 -8.63
CA ILE A 116 -1.89 -22.46 -9.38
C ILE A 116 -2.12 -21.97 -10.81
N PHE A 117 -1.17 -21.18 -11.30
CA PHE A 117 -1.23 -20.62 -12.65
C PHE A 117 0.06 -20.98 -13.40
N PRO A 118 -0.06 -21.79 -14.48
CA PRO A 118 1.08 -22.03 -15.36
C PRO A 118 1.54 -20.72 -16.02
N PRO A 119 2.73 -20.74 -16.65
CA PRO A 119 3.18 -19.56 -17.40
C PRO A 119 2.25 -19.26 -18.56
N SER A 120 2.04 -17.98 -18.86
CA SER A 120 1.28 -17.56 -20.02
C SER A 120 2.07 -17.86 -21.30
N ASP A 121 1.35 -18.06 -22.40
CA ASP A 121 1.99 -18.23 -23.70
C ASP A 121 2.85 -17.01 -24.06
N GLU A 122 2.36 -15.81 -23.73
CA GLU A 122 3.10 -14.56 -23.97
C GLU A 122 4.49 -14.57 -23.33
N GLN A 123 4.57 -14.98 -22.06
CA GLN A 123 5.85 -15.00 -21.36
C GLN A 123 6.78 -16.09 -21.90
N LEU A 124 6.22 -17.27 -22.15
CA LEU A 124 7.02 -18.38 -22.67
C LEU A 124 7.71 -18.00 -23.97
N LYS A 125 7.02 -17.23 -24.80
CA LYS A 125 7.57 -16.73 -26.06
C LYS A 125 8.77 -15.79 -25.84
N SER A 126 8.79 -15.11 -24.69
CA SER A 126 9.89 -14.21 -24.33
C SER A 126 11.11 -14.93 -23.74
N GLY A 127 10.95 -16.21 -23.40
CA GLY A 127 12.07 -17.04 -22.92
C GLY A 127 12.10 -17.30 -21.42
N THR A 128 11.02 -16.95 -20.74
CA THR A 128 10.93 -17.13 -19.29
C THR A 128 9.60 -17.79 -18.90
N ALA A 129 9.61 -18.54 -17.81
CA ALA A 129 8.43 -19.23 -17.31
C ALA A 129 8.22 -18.93 -15.82
N SER A 130 7.18 -18.16 -15.52
CA SER A 130 6.80 -17.88 -14.13
C SER A 130 5.55 -18.68 -13.78
N VAL A 131 5.66 -19.48 -12.73
CA VAL A 131 4.53 -20.24 -12.22
C VAL A 131 4.09 -19.59 -10.91
N VAL A 132 2.81 -19.25 -10.83
CA VAL A 132 2.27 -18.54 -9.68
C VAL A 132 1.36 -19.44 -8.84
N CYS A 133 1.64 -19.49 -7.54
CA CYS A 133 0.78 -20.17 -6.58
C CYS A 133 0.11 -19.12 -5.71
N LEU A 134 -1.21 -19.23 -5.57
CA LEU A 134 -2.01 -18.28 -4.81
C LEU A 134 -2.67 -18.95 -3.61
N LEU A 135 -2.44 -18.38 -2.43
CA LEU A 135 -3.10 -18.81 -1.21
C LEU A 135 -4.06 -17.69 -0.81
N ASN A 136 -5.35 -17.98 -0.90
CA ASN A 136 -6.38 -16.96 -0.67
C ASN A 136 -7.04 -17.02 0.69
N ASN A 137 -7.13 -15.85 1.33
CA ASN A 137 -7.95 -15.61 2.51
C ASN A 137 -7.79 -16.63 3.64
N PHE A 138 -6.61 -16.63 4.26
CA PHE A 138 -6.32 -17.50 5.38
C PHE A 138 -6.02 -16.71 6.65
N TYR A 139 -6.07 -17.39 7.78
CA TYR A 139 -5.71 -16.82 9.06
C TYR A 139 -5.31 -17.96 10.01
N PRO A 140 -4.22 -17.79 10.79
CA PRO A 140 -3.31 -16.66 10.91
C PRO A 140 -2.39 -16.50 9.70
N ARG A 141 -1.52 -15.49 9.73
CA ARG A 141 -0.70 -15.14 8.57
C ARG A 141 0.41 -16.15 8.25
N GLU A 142 0.82 -16.94 9.25
CA GLU A 142 1.92 -17.91 9.08
C GLU A 142 1.47 -18.99 8.12
N ALA A 143 2.14 -19.07 6.97
CA ALA A 143 1.84 -20.09 5.97
C ALA A 143 3.12 -20.47 5.26
N LYS A 144 3.29 -21.75 4.98
CA LYS A 144 4.51 -22.23 4.34
C LYS A 144 4.21 -22.74 2.94
N VAL A 145 4.95 -22.23 1.96
CA VAL A 145 4.87 -22.70 0.58
C VAL A 145 6.20 -23.35 0.19
N GLN A 146 6.12 -24.54 -0.38
CA GLN A 146 7.28 -25.19 -0.98
C GLN A 146 6.97 -25.54 -2.42
N TRP A 147 7.93 -25.27 -3.30
CA TRP A 147 7.80 -25.60 -4.71
C TRP A 147 8.46 -26.93 -4.97
N LYS A 148 7.76 -27.78 -5.72
CA LYS A 148 8.31 -29.06 -6.16
C LYS A 148 8.15 -29.23 -7.66
N VAL A 149 9.25 -29.50 -8.34
CA VAL A 149 9.26 -29.72 -9.78
C VAL A 149 9.70 -31.17 -10.01
N ASP A 150 8.79 -31.98 -10.57
CA ASP A 150 8.99 -33.43 -10.69
C ASP A 150 9.34 -34.06 -9.34
N ASN A 151 8.60 -33.64 -8.31
CA ASN A 151 8.79 -34.08 -6.92
C ASN A 151 10.09 -33.60 -6.25
N ALA A 152 10.89 -32.81 -6.96
CA ALA A 152 12.14 -32.29 -6.40
C ALA A 152 11.93 -30.93 -5.74
N LEU A 153 12.28 -30.83 -4.46
CA LEU A 153 12.15 -29.58 -3.71
C LEU A 153 13.02 -28.49 -4.34
N GLN A 154 12.41 -27.34 -4.61
CA GLN A 154 13.09 -26.21 -5.22
C GLN A 154 13.67 -25.28 -4.16
N SER A 155 14.80 -24.65 -4.49
CA SER A 155 15.38 -23.61 -3.66
C SER A 155 16.06 -22.54 -4.50
N GLY A 156 15.82 -21.28 -4.17
CA GLY A 156 16.53 -20.16 -4.78
C GLY A 156 15.89 -19.58 -6.01
N ASN A 157 14.78 -20.16 -6.46
CA ASN A 157 14.12 -19.71 -7.68
C ASN A 157 12.69 -19.22 -7.45
N SER A 158 12.36 -18.87 -6.22
CA SER A 158 11.04 -18.34 -5.92
C SER A 158 11.04 -17.10 -5.03
N GLN A 159 10.00 -16.30 -5.17
CA GLN A 159 9.77 -15.14 -4.31
C GLN A 159 8.31 -15.11 -3.93
N GLU A 160 8.03 -14.63 -2.72
CA GLU A 160 6.65 -14.52 -2.25
C GLU A 160 6.41 -13.23 -1.48
N SER A 161 5.14 -12.82 -1.41
CA SER A 161 4.74 -11.73 -0.54
C SER A 161 3.34 -11.96 0.01
N VAL A 162 3.08 -11.42 1.18
CA VAL A 162 1.78 -11.55 1.83
C VAL A 162 1.10 -10.18 1.81
N THR A 163 -0.22 -10.18 1.70
CA THR A 163 -1.00 -8.95 1.77
C THR A 163 -1.03 -8.42 3.18
N GLU A 164 -1.40 -7.15 3.33
CA GLU A 164 -1.84 -6.63 4.60
C GLU A 164 -3.15 -7.33 4.96
N GLN A 165 -3.52 -7.27 6.24
CA GLN A 165 -4.79 -7.85 6.69
C GLN A 165 -5.98 -7.24 5.95
N ASP A 166 -6.94 -8.08 5.57
CA ASP A 166 -8.14 -7.64 4.87
C ASP A 166 -9.04 -6.80 5.77
N SER A 167 -9.56 -5.68 5.25
CA SER A 167 -10.39 -4.77 6.03
C SER A 167 -11.82 -5.26 6.27
N LYS A 168 -12.23 -6.32 5.58
CA LYS A 168 -13.57 -6.88 5.75
C LYS A 168 -13.58 -8.21 6.51
N ASP A 169 -12.72 -9.14 6.13
CA ASP A 169 -12.70 -10.47 6.76
C ASP A 169 -11.45 -10.78 7.59
N SER A 170 -10.52 -9.83 7.70
CA SER A 170 -9.35 -9.93 8.58
C SER A 170 -8.37 -11.06 8.20
N THR A 171 -8.50 -11.59 6.99
CA THR A 171 -7.62 -12.65 6.51
C THR A 171 -6.40 -12.07 5.80
N TYR A 172 -5.48 -12.97 5.46
CA TYR A 172 -4.31 -12.65 4.66
C TYR A 172 -4.35 -13.48 3.37
N SER A 173 -3.69 -12.99 2.34
CA SER A 173 -3.46 -13.77 1.14
C SER A 173 -1.97 -13.77 0.81
N LEU A 174 -1.53 -14.81 0.10
CA LEU A 174 -0.12 -14.93 -0.25
C LEU A 174 0.05 -15.36 -1.71
N SER A 175 1.01 -14.74 -2.38
CA SER A 175 1.34 -15.06 -3.76
C SER A 175 2.81 -15.48 -3.82
N SER A 176 3.07 -16.65 -4.42
CA SER A 176 4.42 -17.14 -4.60
C SER A 176 4.68 -17.38 -6.08
N THR A 177 5.81 -16.88 -6.58
CA THR A 177 6.16 -17.05 -7.98
C THR A 177 7.45 -17.85 -8.13
N LEU A 178 7.35 -18.95 -8.87
CA LEU A 178 8.50 -19.76 -9.23
C LEU A 178 8.92 -19.35 -10.64
N THR A 179 10.18 -18.98 -10.81
CA THR A 179 10.66 -18.52 -12.11
C THR A 179 11.87 -19.31 -12.61
N LEU A 180 11.70 -19.90 -13.80
CA LEU A 180 12.80 -20.55 -14.50
C LEU A 180 12.81 -20.14 -15.96
N SER A 181 13.91 -20.43 -16.65
CA SER A 181 14.01 -20.19 -18.09
C SER A 181 13.03 -21.10 -18.83
N LYS A 182 12.60 -20.66 -20.00
CA LYS A 182 11.75 -21.46 -20.88
C LYS A 182 12.37 -22.84 -21.12
N ALA A 183 13.68 -22.88 -21.35
CA ALA A 183 14.39 -24.13 -21.57
C ALA A 183 14.26 -25.10 -20.38
N ASP A 184 14.54 -24.60 -19.17
CA ASP A 184 14.39 -25.38 -17.94
C ASP A 184 12.95 -25.85 -17.72
N TYR A 185 11.99 -24.96 -17.94
CA TYR A 185 10.57 -25.27 -17.76
C TYR A 185 10.14 -26.47 -18.59
N GLU A 186 10.64 -26.54 -19.82
CA GLU A 186 10.24 -27.58 -20.76
C GLU A 186 10.99 -28.91 -20.58
N LYS A 187 11.90 -28.96 -19.61
CA LYS A 187 12.62 -30.18 -19.25
C LYS A 187 11.89 -30.98 -18.16
N HIS A 188 10.79 -30.43 -17.65
CA HIS A 188 10.07 -31.05 -16.53
C HIS A 188 8.57 -31.14 -16.75
N LYS A 189 7.93 -32.08 -16.05
CA LYS A 189 6.52 -32.36 -16.23
C LYS A 189 5.64 -31.69 -15.18
N VAL A 190 5.86 -32.07 -13.92
CA VAL A 190 4.93 -31.71 -12.85
C VAL A 190 5.43 -30.51 -12.05
N TYR A 191 4.58 -29.48 -11.97
CA TYR A 191 4.86 -28.28 -11.19
C TYR A 191 3.85 -28.19 -10.05
N ALA A 192 4.37 -28.22 -8.83
CA ALA A 192 3.55 -28.36 -7.63
C ALA A 192 3.86 -27.32 -6.58
N CYS A 193 2.81 -26.72 -6.05
CA CYS A 193 2.89 -25.83 -4.91
C CYS A 193 2.35 -26.57 -3.69
N GLU A 194 3.19 -26.76 -2.68
CA GLU A 194 2.81 -27.49 -1.46
C GLU A 194 2.67 -26.53 -0.27
N VAL A 195 1.47 -26.50 0.31
CA VAL A 195 1.10 -25.50 1.32
C VAL A 195 0.89 -26.11 2.71
N THR A 196 1.53 -25.52 3.70
CA THR A 196 1.35 -25.86 5.11
C THR A 196 0.74 -24.65 5.83
N HIS A 197 -0.31 -24.89 6.61
CA HIS A 197 -1.00 -23.84 7.36
C HIS A 197 -1.79 -24.46 8.52
N GLN A 198 -1.95 -23.69 9.60
CA GLN A 198 -2.66 -24.14 10.79
C GLN A 198 -4.05 -24.75 10.51
N GLY A 199 -4.75 -24.20 9.52
CA GLY A 199 -6.08 -24.67 9.14
C GLY A 199 -6.09 -25.98 8.38
N LEU A 200 -4.91 -26.49 8.05
CA LEU A 200 -4.77 -27.76 7.32
C LEU A 200 -4.08 -28.81 8.20
N SER A 201 -4.65 -30.01 8.26
CA SER A 201 -4.08 -31.09 9.07
C SER A 201 -2.87 -31.76 8.43
N SER A 202 -2.79 -31.70 7.10
CA SER A 202 -1.63 -32.17 6.33
C SER A 202 -1.34 -31.19 5.19
N PRO A 203 -0.07 -31.12 4.71
CA PRO A 203 0.21 -30.23 3.57
C PRO A 203 -0.71 -30.48 2.39
N VAL A 204 -1.15 -29.38 1.76
CA VAL A 204 -2.00 -29.45 0.58
C VAL A 204 -1.17 -29.15 -0.66
N THR A 205 -1.19 -30.07 -1.62
CA THR A 205 -0.47 -29.91 -2.88
C THR A 205 -1.42 -29.48 -3.97
N LYS A 206 -1.05 -28.40 -4.67
CA LYS A 206 -1.74 -27.97 -5.87
C LYS A 206 -0.74 -28.06 -7.02
N SER A 207 -1.08 -28.79 -8.07
CA SER A 207 -0.13 -29.08 -9.13
C SER A 207 -0.76 -29.14 -10.51
N PHE A 208 0.09 -29.06 -11.53
CA PHE A 208 -0.33 -29.30 -12.90
C PHE A 208 0.77 -30.00 -13.68
N ASN A 209 0.35 -30.74 -14.70
CA ASN A 209 1.28 -31.36 -15.63
C ASN A 209 1.42 -30.46 -16.84
N ARG A 210 2.67 -30.12 -17.19
CA ARG A 210 2.95 -29.23 -18.31
C ARG A 210 2.31 -29.76 -19.59
N GLY A 211 1.54 -28.89 -20.26
CA GLY A 211 0.79 -29.27 -21.45
C GLY A 211 -0.71 -29.23 -21.21
N PCA B 1 -17.27 18.42 -2.57
CA PCA B 1 -16.25 17.51 -2.04
CB PCA B 1 -16.27 16.19 -2.80
CG PCA B 1 -17.08 16.43 -4.06
CD PCA B 1 -17.66 17.80 -3.83
OE PCA B 1 -18.40 18.33 -4.65
C PCA B 1 -14.85 18.08 -2.10
O PCA B 1 -14.48 18.74 -3.08
N VAL B 2 -14.06 17.82 -1.06
CA VAL B 2 -12.65 18.21 -1.03
C VAL B 2 -11.82 17.10 -1.66
N GLN B 3 -10.97 17.47 -2.63
CA GLN B 3 -9.99 16.55 -3.18
C GLN B 3 -8.67 17.25 -3.47
N LEU B 4 -7.57 16.56 -3.17
CA LEU B 4 -6.23 17.01 -3.50
C LEU B 4 -5.60 15.95 -4.37
N VAL B 5 -5.26 16.31 -5.61
CA VAL B 5 -4.73 15.37 -6.59
C VAL B 5 -3.27 15.69 -6.89
N GLN B 6 -2.39 14.74 -6.60
CA GLN B 6 -0.96 14.94 -6.76
C GLN B 6 -0.45 14.39 -8.09
N SER B 7 0.72 14.87 -8.51
CA SER B 7 1.37 14.38 -9.71
C SER B 7 1.94 12.98 -9.50
N GLY B 8 2.30 12.32 -10.60
CA GLY B 8 2.74 10.94 -10.58
C GLY B 8 4.10 10.66 -9.97
N ALA B 9 4.31 9.39 -9.62
CA ALA B 9 5.60 8.90 -9.14
C ALA B 9 6.73 9.23 -10.09
N GLU B 10 7.91 9.48 -9.53
CA GLU B 10 9.10 9.83 -10.33
C GLU B 10 10.37 9.17 -9.81
N VAL B 11 11.27 8.87 -10.74
CA VAL B 11 12.65 8.50 -10.42
C VAL B 11 13.49 9.75 -10.64
N LYS B 12 14.42 10.00 -9.73
CA LYS B 12 15.33 11.13 -9.85
C LYS B 12 16.74 10.71 -9.45
N LYS B 13 17.73 11.11 -10.26
CA LYS B 13 19.12 10.82 -9.96
C LYS B 13 19.58 11.67 -8.78
N PRO B 14 20.54 11.17 -7.98
CA PRO B 14 21.07 11.95 -6.85
C PRO B 14 21.60 13.32 -7.29
N GLY B 15 21.38 14.33 -6.46
CA GLY B 15 21.83 15.70 -6.77
C GLY B 15 20.86 16.52 -7.59
N SER B 16 19.80 15.88 -8.11
CA SER B 16 18.81 16.59 -8.93
C SER B 16 17.73 17.24 -8.06
N SER B 17 16.73 17.83 -8.72
CA SER B 17 15.59 18.43 -8.04
C SER B 17 14.28 17.80 -8.51
N VAL B 18 13.34 17.64 -7.58
CA VAL B 18 12.00 17.15 -7.93
C VAL B 18 10.95 18.19 -7.54
N LYS B 19 9.92 18.31 -8.37
CA LYS B 19 8.81 19.21 -8.08
C LYS B 19 7.50 18.44 -8.16
N VAL B 20 6.86 18.28 -7.01
CA VAL B 20 5.58 17.57 -6.90
C VAL B 20 4.46 18.61 -6.88
N SER B 21 3.39 18.35 -7.63
CA SER B 21 2.25 19.25 -7.67
C SER B 21 1.07 18.68 -6.88
N CYS B 22 0.18 19.58 -6.46
CA CYS B 22 -0.98 19.23 -5.65
C CYS B 22 -2.16 20.10 -6.08
N LYS B 23 -3.05 19.54 -6.89
CA LYS B 23 -4.24 20.25 -7.39
C LYS B 23 -5.36 20.16 -6.38
N ALA B 24 -5.76 21.31 -5.84
CA ALA B 24 -6.83 21.38 -4.85
C ALA B 24 -8.18 21.69 -5.49
N SER B 25 -9.23 21.13 -4.91
CA SER B 25 -10.60 21.44 -5.29
C SER B 25 -10.97 22.88 -4.90
N GLY B 26 -12.02 23.41 -5.51
CA GLY B 26 -12.45 24.79 -5.30
C GLY B 26 -12.75 25.13 -3.85
N GLY B 27 -12.40 26.37 -3.46
CA GLY B 27 -12.63 26.85 -2.10
C GLY B 27 -11.46 26.64 -1.15
N THR B 28 -10.58 25.69 -1.48
CA THR B 28 -9.45 25.31 -0.63
C THR B 28 -8.45 26.44 -0.41
N PHE B 29 -7.97 27.01 -1.51
CA PHE B 29 -6.92 28.03 -1.49
C PHE B 29 -7.35 29.34 -0.81
N SER B 30 -8.66 29.58 -0.79
CA SER B 30 -9.19 30.81 -0.20
C SER B 30 -9.49 30.68 1.30
N SER B 31 -9.40 29.47 1.84
CA SER B 31 -9.78 29.22 3.25
C SER B 31 -8.75 28.45 4.08
N TYR B 32 -7.81 27.77 3.41
CA TYR B 32 -6.88 26.88 4.10
C TYR B 32 -5.43 27.07 3.66
N ALA B 33 -4.51 26.67 4.52
CA ALA B 33 -3.11 26.53 4.13
C ALA B 33 -2.91 25.15 3.49
N ILE B 34 -1.76 24.96 2.85
CA ILE B 34 -1.38 23.65 2.31
C ILE B 34 -0.05 23.26 2.93
N SER B 35 -0.01 22.08 3.55
CA SER B 35 1.22 21.54 4.10
C SER B 35 1.73 20.39 3.26
N TRP B 36 3.04 20.16 3.33
CA TRP B 36 3.64 18.97 2.74
C TRP B 36 4.25 18.10 3.84
N VAL B 37 3.96 16.81 3.76
CA VAL B 37 4.40 15.83 4.75
C VAL B 37 4.98 14.64 4.00
N ARG B 38 6.12 14.13 4.44
CA ARG B 38 6.71 12.99 3.76
C ARG B 38 6.80 11.75 4.66
N GLN B 39 6.86 10.59 4.04
CA GLN B 39 6.90 9.33 4.75
C GLN B 39 7.82 8.38 4.01
N ALA B 40 8.98 8.13 4.58
CA ALA B 40 9.92 7.17 3.99
C ALA B 40 9.26 5.80 4.01
N PRO B 41 9.38 5.04 2.90
CA PRO B 41 8.71 3.73 2.85
C PRO B 41 9.14 2.84 4.01
N GLY B 42 8.16 2.32 4.76
CA GLY B 42 8.41 1.51 5.95
C GLY B 42 8.73 2.32 7.20
N GLN B 43 8.60 3.64 7.11
CA GLN B 43 8.94 4.54 8.22
C GLN B 43 7.79 5.48 8.58
N GLY B 44 8.08 6.49 9.41
CA GLY B 44 7.07 7.41 9.93
C GLY B 44 6.90 8.71 9.15
N LEU B 45 6.15 9.64 9.74
CA LEU B 45 5.72 10.86 9.05
C LEU B 45 6.52 12.08 9.49
N GLU B 46 6.86 12.93 8.52
CA GLU B 46 7.71 14.09 8.75
C GLU B 46 7.18 15.34 8.02
N TRP B 47 6.80 16.35 8.78
CA TRP B 47 6.34 17.63 8.23
C TRP B 47 7.50 18.38 7.56
N MET B 48 7.27 18.88 6.36
CA MET B 48 8.28 19.63 5.61
C MET B 48 8.05 21.14 5.68
N GLY B 49 6.80 21.55 5.48
CA GLY B 49 6.47 22.96 5.51
C GLY B 49 5.06 23.25 5.03
N SER B 50 4.69 24.52 5.08
CA SER B 50 3.36 24.95 4.69
C SER B 50 3.41 26.25 3.89
N ILE B 51 2.35 26.46 3.10
CA ILE B 51 2.12 27.74 2.43
C ILE B 51 0.68 28.19 2.68
N ILE B 52 0.51 29.50 2.87
CA ILE B 52 -0.81 30.11 2.92
C ILE B 52 -1.03 30.78 1.56
N PRO B 53 -1.82 30.13 0.67
CA PRO B 53 -2.06 30.61 -0.69
C PRO B 53 -2.54 32.06 -0.77
N TRP B 54 -3.22 32.51 0.30
CA TRP B 54 -3.70 33.89 0.41
C TRP B 54 -2.54 34.87 0.20
N PHE B 55 -1.64 34.89 1.18
CA PHE B 55 -0.55 35.86 1.24
C PHE B 55 0.74 35.35 0.61
N GLY B 56 0.79 34.06 0.29
CA GLY B 56 1.99 33.44 -0.26
C GLY B 56 3.07 33.20 0.78
N THR B 57 2.73 33.37 2.05
CA THR B 57 3.68 33.18 3.15
C THR B 57 3.94 31.70 3.41
N THR B 58 5.21 31.37 3.68
CA THR B 58 5.61 29.99 3.91
C THR B 58 6.28 29.79 5.26
N ASN B 59 6.21 28.55 5.75
CA ASN B 59 6.91 28.13 6.95
C ASN B 59 7.55 26.78 6.65
N TYR B 60 8.85 26.66 6.88
CA TYR B 60 9.58 25.41 6.62
C TYR B 60 10.10 24.79 7.91
N ALA B 61 10.05 23.46 7.96
CA ALA B 61 10.70 22.72 9.05
C ALA B 61 12.22 22.98 8.99
N GLN B 62 12.82 23.12 10.16
CA GLN B 62 14.26 23.36 10.32
C GLN B 62 15.12 22.49 9.39
N LYS B 63 14.84 21.19 9.38
CA LYS B 63 15.65 20.21 8.65
C LYS B 63 15.60 20.33 7.12
N PHE B 64 14.59 21.05 6.61
CA PHE B 64 14.44 21.25 5.16
C PHE B 64 14.70 22.69 4.71
N GLN B 65 14.90 23.58 5.67
CA GLN B 65 15.24 24.98 5.39
C GLN B 65 16.44 25.06 4.43
N GLY B 66 16.23 25.72 3.29
CA GLY B 66 17.28 25.89 2.29
C GLY B 66 17.22 24.90 1.14
N ARG B 67 16.57 23.76 1.39
CA ARG B 67 16.44 22.70 0.38
C ARG B 67 15.04 22.62 -0.22
N VAL B 68 14.04 23.08 0.52
CA VAL B 68 12.65 22.99 0.09
C VAL B 68 12.08 24.38 -0.27
N THR B 69 11.33 24.41 -1.36
CA THR B 69 10.59 25.60 -1.76
C THR B 69 9.14 25.18 -2.02
N ILE B 70 8.21 25.78 -1.30
CA ILE B 70 6.79 25.53 -1.49
C ILE B 70 6.13 26.76 -2.11
N THR B 71 5.49 26.57 -3.26
CA THR B 71 4.82 27.65 -3.98
C THR B 71 3.35 27.31 -4.20
N ALA B 72 2.55 28.32 -4.50
CA ALA B 72 1.12 28.14 -4.80
C ALA B 72 0.68 29.02 -5.96
N ASP B 73 -0.04 28.41 -6.90
CA ASP B 73 -0.58 29.09 -8.06
C ASP B 73 -2.10 29.16 -7.93
N GLU B 74 -2.59 30.29 -7.42
CA GLU B 74 -4.02 30.48 -7.14
C GLU B 74 -4.94 30.39 -8.35
N SER B 75 -4.39 30.66 -9.54
CA SER B 75 -5.17 30.61 -10.79
C SER B 75 -5.56 29.19 -11.18
N THR B 76 -4.74 28.21 -10.77
CA THR B 76 -4.99 26.80 -11.07
C THR B 76 -5.31 26.00 -9.80
N SER B 77 -5.35 26.68 -8.65
CA SER B 77 -5.48 26.04 -7.34
C SER B 77 -4.49 24.88 -7.15
N THR B 78 -3.23 25.13 -7.53
CA THR B 78 -2.19 24.12 -7.45
C THR B 78 -1.05 24.58 -6.55
N ALA B 79 -0.68 23.71 -5.61
CA ALA B 79 0.49 23.93 -4.78
C ALA B 79 1.64 23.06 -5.27
N TYR B 80 2.86 23.51 -5.00
CA TYR B 80 4.05 22.80 -5.46
C TYR B 80 5.06 22.66 -4.34
N MET B 81 5.74 21.52 -4.32
CA MET B 81 6.85 21.29 -3.42
C MET B 81 8.08 20.94 -4.25
N GLU B 82 9.11 21.77 -4.15
CA GLU B 82 10.38 21.49 -4.83
C GLU B 82 11.46 21.15 -3.81
N LEU B 83 12.07 19.99 -3.97
CA LEU B 83 13.16 19.55 -3.12
C LEU B 83 14.43 19.36 -3.96
N SER B 84 15.45 20.14 -3.64
CA SER B 84 16.71 20.15 -4.40
C SER B 84 17.78 19.30 -3.72
N SER B 85 18.90 19.10 -4.41
CA SER B 85 20.03 18.30 -3.92
C SER B 85 19.56 16.96 -3.37
N LEU B 86 18.78 16.24 -4.17
CA LEU B 86 18.18 14.98 -3.75
C LEU B 86 19.24 13.94 -3.43
N ARG B 87 19.03 13.23 -2.32
CA ARG B 87 19.91 12.15 -1.90
C ARG B 87 19.08 10.90 -1.70
N SER B 88 19.73 9.73 -1.64
CA SER B 88 19.05 8.45 -1.46
C SER B 88 17.97 8.50 -0.38
N GLU B 89 18.29 9.16 0.74
CA GLU B 89 17.37 9.25 1.88
C GLU B 89 16.14 10.14 1.65
N ASP B 90 16.08 10.80 0.49
CA ASP B 90 14.91 11.59 0.13
C ASP B 90 13.85 10.74 -0.58
N THR B 91 14.15 9.45 -0.77
CA THR B 91 13.17 8.49 -1.26
C THR B 91 12.06 8.35 -0.23
N ALA B 92 10.86 8.74 -0.63
CA ALA B 92 9.71 8.77 0.27
C ALA B 92 8.44 9.00 -0.53
N VAL B 93 7.31 8.73 0.11
CA VAL B 93 6.01 9.17 -0.38
C VAL B 93 5.78 10.59 0.14
N TYR B 94 5.53 11.50 -0.78
CA TYR B 94 5.28 12.90 -0.43
C TYR B 94 3.79 13.17 -0.51
N TYR B 95 3.26 13.75 0.57
CA TYR B 95 1.85 14.09 0.67
C TYR B 95 1.66 15.58 0.78
N CYS B 96 0.65 16.10 0.08
CA CYS B 96 0.12 17.42 0.41
C CYS B 96 -1.13 17.23 1.27
N ALA B 97 -1.41 18.21 2.11
CA ALA B 97 -2.58 18.15 2.98
C ALA B 97 -3.19 19.53 3.18
N ARG B 98 -4.52 19.56 3.25
CA ARG B 98 -5.24 20.76 3.63
C ARG B 98 -4.97 21.02 5.11
N ASP B 99 -4.56 22.24 5.43
CA ASP B 99 -4.01 22.59 6.74
C ASP B 99 -4.76 23.78 7.36
N SER B 100 -5.47 23.53 8.46
CA SER B 100 -6.21 24.58 9.16
C SER B 100 -5.34 25.38 10.14
N GLU B 101 -4.06 24.99 10.23
CA GLU B 101 -3.10 25.47 11.24
C GLU B 101 -3.24 24.72 12.58
N TYR B 102 -4.29 23.90 12.68
CA TYR B 102 -4.55 23.11 13.90
C TYR B 102 -4.57 21.59 13.61
N TYR B 103 -4.73 21.24 12.34
CA TYR B 103 -4.76 19.84 11.88
C TYR B 103 -4.65 19.72 10.36
N PHE B 104 -4.40 18.50 9.89
CA PHE B 104 -4.45 18.19 8.47
C PHE B 104 -5.68 17.31 8.21
N ASP B 105 -6.72 17.89 7.61
CA ASP B 105 -8.03 17.22 7.54
C ASP B 105 -8.34 16.46 6.25
N HIS B 106 -7.63 16.80 5.17
CA HIS B 106 -7.72 16.10 3.90
C HIS B 106 -6.31 16.00 3.34
N TRP B 107 -5.98 14.85 2.76
CA TRP B 107 -4.63 14.57 2.25
C TRP B 107 -4.71 14.10 0.80
N GLY B 108 -3.74 14.52 -0.01
CA GLY B 108 -3.59 14.01 -1.37
C GLY B 108 -3.24 12.53 -1.34
N GLN B 109 -3.26 11.88 -2.51
CA GLN B 109 -3.04 10.43 -2.59
C GLN B 109 -1.59 10.00 -2.36
N GLY B 110 -0.68 10.97 -2.38
CA GLY B 110 0.74 10.71 -2.18
C GLY B 110 1.50 10.48 -3.48
N THR B 111 2.79 10.86 -3.48
CA THR B 111 3.66 10.73 -4.63
C THR B 111 4.98 10.08 -4.21
N LEU B 112 5.24 8.89 -4.72
CA LEU B 112 6.50 8.21 -4.42
C LEU B 112 7.62 8.73 -5.30
N VAL B 113 8.61 9.34 -4.67
CA VAL B 113 9.81 9.80 -5.36
C VAL B 113 10.97 8.91 -4.97
N THR B 114 11.54 8.23 -5.95
CA THR B 114 12.67 7.34 -5.72
C THR B 114 13.94 8.01 -6.22
N VAL B 115 14.91 8.19 -5.33
CA VAL B 115 16.21 8.77 -5.69
C VAL B 115 17.20 7.64 -5.96
N SER B 116 17.57 7.48 -7.23
CA SER B 116 18.39 6.37 -7.70
C SER B 116 19.10 6.72 -9.01
N SER B 117 20.29 6.16 -9.20
CA SER B 117 21.01 6.32 -10.46
C SER B 117 20.75 5.17 -11.43
N ALA B 118 20.12 4.10 -10.93
CA ALA B 118 19.78 2.93 -11.74
C ALA B 118 18.76 3.27 -12.84
N SER B 119 18.75 2.46 -13.90
CA SER B 119 17.87 2.69 -15.04
C SER B 119 16.42 2.35 -14.75
N THR B 120 15.52 3.19 -15.27
CA THR B 120 14.09 2.94 -15.21
C THR B 120 13.73 1.82 -16.18
N LYS B 121 12.86 0.91 -15.74
CA LYS B 121 12.36 -0.15 -16.60
C LYS B 121 10.86 -0.38 -16.39
N GLY B 122 10.13 -0.39 -17.50
CA GLY B 122 8.70 -0.69 -17.48
C GLY B 122 8.46 -2.17 -17.38
N PRO B 123 7.34 -2.57 -16.74
CA PRO B 123 7.06 -3.99 -16.59
C PRO B 123 6.48 -4.64 -17.84
N SER B 124 6.62 -5.95 -17.92
CA SER B 124 5.80 -6.76 -18.81
C SER B 124 4.57 -7.19 -18.00
N VAL B 125 3.43 -7.29 -18.67
CA VAL B 125 2.19 -7.69 -18.01
C VAL B 125 1.66 -8.97 -18.63
N PHE B 126 1.62 -10.03 -17.83
CA PHE B 126 1.16 -11.34 -18.30
C PHE B 126 -0.12 -11.75 -17.59
N PRO B 127 -1.04 -12.40 -18.32
CA PRO B 127 -2.27 -12.87 -17.71
C PRO B 127 -2.06 -14.08 -16.80
N LEU B 128 -2.87 -14.16 -15.75
CA LEU B 128 -2.96 -15.34 -14.93
C LEU B 128 -4.38 -15.86 -15.19
N ALA B 129 -4.50 -16.68 -16.23
CA ALA B 129 -5.79 -17.12 -16.75
C ALA B 129 -6.55 -18.02 -15.78
N PRO B 130 -7.88 -17.83 -15.68
CA PRO B 130 -8.67 -18.77 -14.90
C PRO B 130 -8.72 -20.13 -15.61
N SER B 131 -8.66 -21.20 -14.84
CA SER B 131 -8.68 -22.56 -15.37
C SER B 131 -9.21 -23.50 -14.29
N SER B 132 -9.20 -24.80 -14.58
CA SER B 132 -9.62 -25.81 -13.60
C SER B 132 -8.69 -25.86 -12.39
N LYS B 133 -7.50 -25.30 -12.54
CA LYS B 133 -6.51 -25.27 -11.45
C LYS B 133 -6.63 -24.02 -10.58
N SER B 134 -7.59 -23.15 -10.89
CA SER B 134 -7.79 -21.93 -10.10
C SER B 134 -9.25 -21.73 -9.68
N THR B 135 -9.99 -22.85 -9.61
CA THR B 135 -11.37 -22.83 -9.16
C THR B 135 -11.50 -23.37 -7.73
N SER B 136 -12.55 -22.94 -7.04
CA SER B 136 -12.86 -23.42 -5.70
C SER B 136 -14.33 -23.20 -5.39
N GLY B 137 -15.09 -24.29 -5.35
CA GLY B 137 -16.51 -24.26 -4.98
C GLY B 137 -17.34 -23.22 -5.72
N GLY B 138 -17.20 -23.19 -7.05
CA GLY B 138 -17.98 -22.29 -7.89
C GLY B 138 -17.34 -20.94 -8.16
N THR B 139 -16.20 -20.68 -7.54
CA THR B 139 -15.47 -19.44 -7.77
C THR B 139 -14.21 -19.71 -8.59
N ALA B 140 -13.78 -18.73 -9.36
CA ALA B 140 -12.55 -18.82 -10.14
C ALA B 140 -11.63 -17.66 -9.81
N ALA B 141 -10.35 -17.96 -9.64
CA ALA B 141 -9.32 -16.94 -9.46
C ALA B 141 -8.61 -16.65 -10.78
N LEU B 142 -8.35 -15.37 -11.02
CA LEU B 142 -7.61 -14.93 -12.20
C LEU B 142 -6.76 -13.74 -11.80
N GLY B 143 -5.87 -13.30 -12.68
CA GLY B 143 -5.04 -12.17 -12.33
C GLY B 143 -4.07 -11.70 -13.40
N CYS B 144 -3.18 -10.83 -12.98
CA CYS B 144 -2.11 -10.34 -13.83
C CYS B 144 -0.79 -10.37 -13.08
N LEU B 145 0.25 -10.81 -13.79
CA LEU B 145 1.61 -10.80 -13.28
C LEU B 145 2.35 -9.64 -13.91
N VAL B 146 2.79 -8.71 -13.06
CA VAL B 146 3.48 -7.49 -13.49
C VAL B 146 4.96 -7.67 -13.17
N LYS B 147 5.74 -8.00 -14.20
CA LYS B 147 7.09 -8.51 -14.00
C LYS B 147 8.18 -7.55 -14.48
N ASP B 148 9.22 -7.44 -13.67
CA ASP B 148 10.49 -6.78 -14.05
C ASP B 148 10.38 -5.27 -14.27
N TYR B 149 10.14 -4.52 -13.20
CA TYR B 149 10.09 -3.06 -13.29
C TYR B 149 10.92 -2.35 -12.23
N PHE B 150 11.28 -1.10 -12.51
CA PHE B 150 12.01 -0.26 -11.58
C PHE B 150 11.77 1.21 -11.91
N PRO B 151 11.58 2.06 -10.87
CA PRO B 151 11.46 1.69 -9.47
C PRO B 151 9.99 1.43 -9.14
N GLU B 152 9.67 1.35 -7.86
CA GLU B 152 8.26 1.38 -7.44
C GLU B 152 7.68 2.78 -7.75
N PRO B 153 6.34 2.88 -7.86
CA PRO B 153 5.33 1.86 -7.70
C PRO B 153 4.61 1.46 -8.98
N VAL B 154 4.07 0.24 -8.98
CA VAL B 154 3.03 -0.16 -9.91
C VAL B 154 1.68 -0.08 -9.19
N THR B 155 0.69 0.50 -9.84
CA THR B 155 -0.69 0.39 -9.36
C THR B 155 -1.50 -0.50 -10.31
N VAL B 156 -2.45 -1.22 -9.76
CA VAL B 156 -3.33 -2.07 -10.54
C VAL B 156 -4.79 -1.80 -10.17
N SER B 157 -5.62 -1.58 -11.17
CA SER B 157 -7.06 -1.61 -11.00
C SER B 157 -7.64 -2.70 -11.90
N TRP B 158 -8.88 -3.10 -11.63
CA TRP B 158 -9.59 -4.06 -12.47
C TRP B 158 -10.84 -3.42 -13.06
N ASN B 159 -11.02 -3.62 -14.36
CA ASN B 159 -12.16 -3.03 -15.09
C ASN B 159 -12.35 -1.54 -14.78
N SER B 160 -11.25 -0.80 -14.85
CA SER B 160 -11.21 0.66 -14.63
C SER B 160 -11.74 1.08 -13.26
N GLY B 161 -11.58 0.21 -12.26
CA GLY B 161 -12.01 0.49 -10.90
C GLY B 161 -13.41 -0.01 -10.57
N ALA B 162 -14.09 -0.60 -11.54
CA ALA B 162 -15.45 -1.12 -11.33
C ALA B 162 -15.46 -2.48 -10.63
N LEU B 163 -14.32 -3.17 -10.66
CA LEU B 163 -14.16 -4.44 -9.95
C LEU B 163 -13.16 -4.28 -8.80
N THR B 164 -13.68 -4.35 -7.58
CA THR B 164 -12.86 -4.18 -6.36
C THR B 164 -13.02 -5.34 -5.38
N SER B 165 -14.22 -5.92 -5.34
CA SER B 165 -14.50 -7.05 -4.45
C SER B 165 -13.66 -8.24 -4.86
N GLY B 166 -13.01 -8.86 -3.87
CA GLY B 166 -12.19 -10.05 -4.09
C GLY B 166 -10.83 -9.79 -4.73
N VAL B 167 -10.46 -8.52 -4.88
CA VAL B 167 -9.15 -8.16 -5.46
C VAL B 167 -8.07 -8.17 -4.38
N HIS B 168 -6.97 -8.87 -4.67
CA HIS B 168 -5.76 -8.74 -3.86
C HIS B 168 -4.61 -8.32 -4.77
N THR B 169 -4.10 -7.11 -4.54
CA THR B 169 -2.89 -6.65 -5.22
C THR B 169 -1.74 -6.72 -4.23
N PHE B 170 -0.81 -7.63 -4.50
CA PHE B 170 0.24 -8.00 -3.56
C PHE B 170 1.37 -6.98 -3.52
N PRO B 171 2.01 -6.84 -2.33
CA PRO B 171 3.22 -6.03 -2.24
C PRO B 171 4.25 -6.54 -3.22
N ALA B 172 5.04 -5.62 -3.78
CA ALA B 172 6.08 -5.98 -4.71
C ALA B 172 7.17 -6.83 -4.06
N VAL B 173 7.79 -7.70 -4.85
CA VAL B 173 8.99 -8.42 -4.43
C VAL B 173 10.18 -7.83 -5.16
N LEU B 174 11.32 -7.82 -4.49
CA LEU B 174 12.55 -7.31 -5.09
C LEU B 174 13.40 -8.49 -5.58
N GLN B 175 13.55 -8.57 -6.89
CA GLN B 175 14.35 -9.62 -7.52
C GLN B 175 15.84 -9.35 -7.32
N SER B 176 16.65 -10.39 -7.48
CA SER B 176 18.10 -10.29 -7.30
C SER B 176 18.73 -9.25 -8.23
N SER B 177 18.08 -8.99 -9.37
CA SER B 177 18.55 -8.03 -10.36
C SER B 177 18.31 -6.57 -9.97
N GLY B 178 17.55 -6.34 -8.89
CA GLY B 178 17.17 -5.00 -8.48
C GLY B 178 15.83 -4.57 -9.08
N LEU B 179 15.23 -5.45 -9.89
CA LEU B 179 13.92 -5.18 -10.47
C LEU B 179 12.82 -5.72 -9.57
N TYR B 180 11.66 -5.07 -9.63
CA TYR B 180 10.49 -5.50 -8.85
C TYR B 180 9.54 -6.35 -9.68
N SER B 181 8.74 -7.15 -8.99
CA SER B 181 7.62 -7.87 -9.58
C SER B 181 6.44 -7.87 -8.62
N LEU B 182 5.23 -7.80 -9.17
CA LEU B 182 4.04 -7.98 -8.34
C LEU B 182 2.92 -8.72 -9.07
N SER B 183 2.00 -9.27 -8.26
CA SER B 183 0.82 -9.94 -8.76
C SER B 183 -0.42 -9.18 -8.29
N SER B 184 -1.45 -9.20 -9.11
CA SER B 184 -2.78 -8.75 -8.72
C SER B 184 -3.75 -9.84 -9.14
N VAL B 185 -4.59 -10.27 -8.21
CA VAL B 185 -5.54 -11.35 -8.47
C VAL B 185 -6.94 -10.92 -8.05
N VAL B 186 -7.92 -11.62 -8.61
CA VAL B 186 -9.33 -11.40 -8.24
C VAL B 186 -10.07 -12.73 -8.36
N THR B 187 -11.01 -12.94 -7.43
CA THR B 187 -11.89 -14.10 -7.49
CA THR B 187 -11.89 -14.10 -7.44
C THR B 187 -13.27 -13.68 -7.96
N VAL B 188 -13.80 -14.42 -8.94
CA VAL B 188 -15.08 -14.09 -9.57
C VAL B 188 -15.96 -15.35 -9.68
N PRO B 189 -17.24 -15.19 -10.07
CA PRO B 189 -18.04 -16.41 -10.31
C PRO B 189 -17.49 -17.22 -11.47
N SER B 190 -17.38 -18.53 -11.31
CA SER B 190 -16.96 -19.37 -12.44
C SER B 190 -18.04 -19.39 -13.53
N SER B 191 -19.30 -19.27 -13.11
CA SER B 191 -20.46 -19.34 -14.03
C SER B 191 -20.43 -18.32 -15.17
N SER B 192 -19.86 -17.14 -14.92
CA SER B 192 -19.91 -16.03 -15.87
C SER B 192 -18.59 -15.71 -16.59
N LEU B 193 -17.63 -16.63 -16.55
CA LEU B 193 -16.37 -16.44 -17.26
C LEU B 193 -16.57 -16.26 -18.77
N GLY B 194 -17.67 -16.83 -19.29
CA GLY B 194 -18.00 -16.71 -20.71
C GLY B 194 -18.62 -15.39 -21.14
N THR B 195 -19.14 -14.62 -20.17
CA THR B 195 -19.89 -13.40 -20.49
C THR B 195 -19.26 -12.10 -20.00
N GLN B 196 -18.44 -12.20 -18.95
CA GLN B 196 -17.80 -11.03 -18.36
C GLN B 196 -16.39 -10.83 -18.92
N THR B 197 -15.95 -9.58 -18.97
CA THR B 197 -14.61 -9.25 -19.41
C THR B 197 -13.82 -8.74 -18.22
N TYR B 198 -12.64 -9.34 -18.01
CA TYR B 198 -11.75 -8.90 -16.93
C TYR B 198 -10.47 -8.33 -17.48
N ILE B 199 -10.22 -7.05 -17.16
CA ILE B 199 -9.05 -6.33 -17.64
C ILE B 199 -8.31 -5.71 -16.47
N CYS B 200 -7.04 -6.06 -16.32
CA CYS B 200 -6.21 -5.39 -15.30
C CYS B 200 -5.60 -4.14 -15.93
N ASN B 201 -5.79 -3.01 -15.25
CA ASN B 201 -5.23 -1.74 -15.70
C ASN B 201 -3.98 -1.47 -14.89
N VAL B 202 -2.82 -1.62 -15.53
CA VAL B 202 -1.53 -1.54 -14.86
C VAL B 202 -0.84 -0.22 -15.20
N ASN B 203 -0.48 0.52 -14.16
CA ASN B 203 0.22 1.78 -14.32
C ASN B 203 1.59 1.77 -13.64
N HIS B 204 2.62 2.12 -14.40
CA HIS B 204 3.94 2.36 -13.87
C HIS B 204 4.39 3.73 -14.39
N LYS B 205 4.01 4.76 -13.65
CA LYS B 205 4.22 6.16 -14.07
C LYS B 205 5.67 6.59 -14.25
N PRO B 206 6.62 6.01 -13.47
CA PRO B 206 8.03 6.31 -13.76
C PRO B 206 8.52 5.92 -15.16
N SER B 207 7.89 4.92 -15.78
CA SER B 207 8.30 4.47 -17.12
C SER B 207 7.26 4.70 -18.21
N ASN B 208 6.24 5.50 -17.90
CA ASN B 208 5.12 5.77 -18.81
C ASN B 208 4.39 4.50 -19.30
N THR B 209 4.50 3.43 -18.51
CA THR B 209 3.79 2.20 -18.78
C THR B 209 2.33 2.36 -18.34
N LYS B 210 1.43 2.16 -19.30
CA LYS B 210 0.00 2.12 -19.06
C LYS B 210 -0.53 0.97 -19.90
N VAL B 211 -0.86 -0.14 -19.24
CA VAL B 211 -1.24 -1.37 -19.93
C VAL B 211 -2.59 -1.86 -19.45
N ASP B 212 -3.50 -2.12 -20.39
CA ASP B 212 -4.78 -2.75 -20.09
C ASP B 212 -4.79 -4.17 -20.65
N LYS B 213 -4.61 -5.16 -19.78
CA LYS B 213 -4.51 -6.55 -20.21
C LYS B 213 -5.81 -7.32 -19.97
N LYS B 214 -6.44 -7.78 -21.04
CA LYS B 214 -7.61 -8.65 -20.92
C LYS B 214 -7.17 -10.05 -20.52
N VAL B 215 -7.81 -10.58 -19.49
CA VAL B 215 -7.47 -11.90 -18.98
C VAL B 215 -8.58 -12.90 -19.31
N GLU B 216 -8.28 -13.83 -20.20
CA GLU B 216 -9.25 -14.78 -20.73
C GLU B 216 -9.00 -16.21 -20.24
N PRO B 217 -10.08 -17.01 -20.07
CA PRO B 217 -9.95 -18.41 -19.67
C PRO B 217 -9.09 -19.24 -20.62
C1 GOL C . -4.99 -6.72 0.49
O1 GOL C . -5.31 -7.39 -0.72
C2 GOL C . -6.10 -6.88 1.51
O2 GOL C . -7.20 -6.08 1.13
C3 GOL C . -6.55 -8.34 1.64
O3 GOL C . -5.69 -9.10 2.47
C1 GOL D . 4.41 -10.63 -5.23
O1 GOL D . 3.63 -9.51 -5.58
C2 GOL D . 4.20 -11.70 -6.27
O2 GOL D . 4.66 -11.26 -7.52
C3 GOL D . 4.96 -12.95 -5.85
O3 GOL D . 4.26 -14.07 -6.34
C1 GOL E . -12.41 5.23 10.07
O1 GOL E . -11.95 5.16 8.74
C2 GOL E . -13.49 4.18 10.31
O2 GOL E . -14.59 4.43 9.46
C3 GOL E . -13.01 2.76 10.08
O3 GOL E . -11.79 2.50 10.73
O1 MES F . 2.41 5.42 -2.57
C2 MES F . 2.82 4.66 -3.72
C3 MES F . 1.61 4.35 -4.59
N4 MES F . 0.95 5.62 -4.89
C5 MES F . 0.66 6.58 -3.81
C6 MES F . 1.90 6.70 -2.92
C7 MES F . 0.57 5.88 -6.28
C8 MES F . -0.52 6.96 -6.35
S MES F . -1.29 6.98 -7.82
O1S MES F . -1.88 8.32 -8.06
O2S MES F . -2.37 5.97 -7.80
O3S MES F . -0.35 6.66 -8.92
C1 EDO G . -18.39 -6.06 -16.29
O1 EDO G . -17.60 -5.17 -15.49
C2 EDO G . -17.51 -7.22 -16.74
O2 EDO G . -17.68 -7.43 -18.15
#